data_7Y8H
#
_entry.id   7Y8H
#
_cell.length_a   81.977
_cell.length_b   43.211
_cell.length_c   48.338
_cell.angle_alpha   90.000
_cell.angle_beta   111.287
_cell.angle_gamma   90.000
#
_symmetry.space_group_name_H-M   'C 1 2 1'
#
loop_
_entity.id
_entity.type
_entity.pdbx_description
1 polymer 'Down Syndrome Cell Adhesion Molecules'
2 non-polymer 'SULFATE ION'
3 water water
#
_entity_poly.entity_id   1
_entity_poly.type   'polypeptide(L)'
_entity_poly.pdbx_seq_one_letter_code
;GASPPSPPRGIKVSEVTTRTARLSWQSPYGNGDNTVVTYIVRYWRDEESRSQLHQLTFQVTSANLKDLHPGTSYAVQILA
ENDVGASIPSRLVQFRTIEE
;
_entity_poly.pdbx_strand_id   A,B
#
loop_
_chem_comp.id
_chem_comp.type
_chem_comp.name
_chem_comp.formula
SO4 non-polymer 'SULFATE ION' 'O4 S -2'
#
# COMPACT_ATOMS: atom_id res chain seq x y z
N ALA A 2 -22.05 1.46 -7.38
CA ALA A 2 -20.79 1.59 -6.62
C ALA A 2 -20.26 3.01 -6.69
N SER A 3 -19.45 3.38 -5.70
CA SER A 3 -18.87 4.72 -5.63
C SER A 3 -17.66 4.65 -4.70
N PRO A 4 -16.79 5.66 -4.74
CA PRO A 4 -15.64 5.66 -3.84
C PRO A 4 -16.09 5.55 -2.40
N PRO A 5 -15.26 4.99 -1.52
CA PRO A 5 -15.64 4.91 -0.11
C PRO A 5 -15.55 6.29 0.53
N SER A 6 -16.20 6.41 1.69
N SER A 6 -16.20 6.41 1.69
CA SER A 6 -16.04 7.58 2.55
CA SER A 6 -16.05 7.57 2.56
C SER A 6 -14.71 7.49 3.28
C SER A 6 -14.70 7.50 3.27
N PRO A 7 -14.29 8.57 3.95
CA PRO A 7 -12.94 8.61 4.51
C PRO A 7 -12.79 7.70 5.72
N PRO A 8 -11.57 7.28 6.03
CA PRO A 8 -11.34 6.59 7.30
C PRO A 8 -11.71 7.50 8.46
N ARG A 9 -12.03 6.87 9.59
CA ARG A 9 -12.53 7.59 10.76
C ARG A 9 -11.65 7.36 11.99
N GLY A 10 -11.80 8.26 12.97
CA GLY A 10 -11.17 8.09 14.26
C GLY A 10 -9.69 7.78 14.23
N ILE A 11 -8.92 8.60 13.51
CA ILE A 11 -7.49 8.38 13.38
C ILE A 11 -6.80 8.83 14.66
N LYS A 12 -6.05 7.92 15.27
CA LYS A 12 -5.26 8.21 16.45
C LYS A 12 -3.81 7.83 16.19
N VAL A 13 -2.87 8.61 16.71
CA VAL A 13 -1.46 8.25 16.74
C VAL A 13 -1.26 7.59 18.08
N SER A 14 -1.12 6.26 18.07
CA SER A 14 -1.14 5.49 19.30
C SER A 14 0.16 5.64 20.08
N GLU A 15 1.28 5.30 19.43
CA GLU A 15 2.59 5.41 20.04
C GLU A 15 3.49 6.21 19.10
N VAL A 16 4.52 6.81 19.69
CA VAL A 16 5.57 7.47 18.93
C VAL A 16 6.90 7.14 19.59
N THR A 17 7.91 6.84 18.78
CA THR A 17 9.26 6.60 19.27
C THR A 17 10.22 7.57 18.60
N THR A 18 11.51 7.24 18.59
CA THR A 18 12.46 8.09 17.88
C THR A 18 12.31 7.96 16.37
N ARG A 19 12.01 6.76 15.87
CA ARG A 19 12.04 6.50 14.44
C ARG A 19 10.78 5.82 13.93
N THR A 20 9.76 5.65 14.76
CA THR A 20 8.52 5.04 14.32
C THR A 20 7.34 5.82 14.90
N ALA A 21 6.21 5.67 14.23
CA ALA A 21 4.94 6.25 14.67
C ALA A 21 3.85 5.25 14.33
N ARG A 22 3.05 4.86 15.32
CA ARG A 22 2.01 3.87 15.13
C ARG A 22 0.64 4.55 14.98
N LEU A 23 -0.12 4.13 13.97
CA LEU A 23 -1.37 4.75 13.62
C LEU A 23 -2.52 3.77 13.80
N SER A 24 -3.66 4.32 14.20
CA SER A 24 -4.89 3.56 14.47
C SER A 24 -6.03 4.30 13.83
N TRP A 25 -7.02 3.56 13.31
CA TRP A 25 -8.21 4.21 12.79
C TRP A 25 -9.35 3.19 12.68
N GLN A 26 -10.49 3.67 12.19
CA GLN A 26 -11.71 2.87 12.05
C GLN A 26 -12.16 2.90 10.59
N SER A 27 -12.86 1.84 10.19
CA SER A 27 -13.31 1.75 8.82
C SER A 27 -14.30 2.87 8.50
N PRO A 28 -14.42 3.26 7.23
CA PRO A 28 -15.35 4.34 6.89
C PRO A 28 -16.80 3.92 7.05
N TYR A 29 -17.66 4.93 7.19
CA TYR A 29 -19.09 4.71 7.07
C TYR A 29 -19.39 3.99 5.76
N GLY A 30 -20.30 3.03 5.83
CA GLY A 30 -20.70 2.27 4.67
C GLY A 30 -21.01 3.11 3.46
N ASN A 31 -20.67 2.56 2.29
CA ASN A 31 -20.83 3.18 0.99
C ASN A 31 -22.29 3.15 0.55
N THR A 35 -16.67 -4.33 -2.90
CA THR A 35 -16.88 -3.48 -1.74
C THR A 35 -15.61 -3.34 -0.91
N VAL A 36 -14.70 -4.31 -1.02
CA VAL A 36 -13.62 -4.44 -0.04
C VAL A 36 -12.73 -3.20 -0.06
N VAL A 37 -12.53 -2.59 1.11
CA VAL A 37 -11.85 -1.32 1.24
C VAL A 37 -10.47 -1.57 1.82
N THR A 38 -9.46 -0.93 1.23
CA THR A 38 -8.11 -0.85 1.78
C THR A 38 -7.79 0.60 2.03
N TYR A 39 -6.56 0.88 2.52
CA TYR A 39 -6.21 2.22 2.98
C TYR A 39 -4.89 2.67 2.39
N ILE A 40 -4.77 4.00 2.26
CA ILE A 40 -3.58 4.69 1.74
C ILE A 40 -3.14 5.67 2.82
N VAL A 41 -1.92 5.51 3.32
CA VAL A 41 -1.38 6.37 4.37
C VAL A 41 -0.29 7.22 3.74
N ARG A 42 -0.50 8.53 3.71
CA ARG A 42 0.44 9.51 3.19
C ARG A 42 1.01 10.29 4.37
N TYR A 43 2.35 10.36 4.46
CA TYR A 43 2.99 11.08 5.55
C TYR A 43 4.23 11.80 5.03
N TRP A 44 4.57 12.91 5.70
CA TRP A 44 5.70 13.72 5.28
C TRP A 44 6.20 14.55 6.45
N ARG A 45 7.46 14.95 6.38
CA ARG A 45 8.01 15.88 7.35
C ARG A 45 7.37 17.26 7.13
N ASP A 46 6.92 17.87 8.21
CA ASP A 46 6.26 19.17 8.10
C ASP A 46 7.25 20.28 8.51
N GLU A 47 8.25 20.45 7.67
CA GLU A 47 9.27 21.50 7.85
C GLU A 47 10.23 21.51 6.66
N GLN A 52 10.52 14.67 1.22
CA GLN A 52 9.81 13.74 0.33
C GLN A 52 8.44 13.40 0.88
N LEU A 53 7.52 13.01 0.00
CA LEU A 53 6.20 12.54 0.40
C LEU A 53 6.18 11.02 0.36
N HIS A 54 5.78 10.41 1.47
CA HIS A 54 5.77 8.96 1.62
C HIS A 54 4.33 8.47 1.57
N GLN A 55 4.13 7.32 0.94
CA GLN A 55 2.80 6.75 0.80
C GLN A 55 2.89 5.23 0.90
N LEU A 56 2.06 4.66 1.77
CA LEU A 56 2.03 3.23 1.99
C LEU A 56 0.58 2.78 2.09
N THR A 57 0.33 1.49 1.81
CA THR A 57 -1.02 0.94 1.83
C THR A 57 -1.15 -0.14 2.89
N PHE A 58 -2.37 -0.32 3.37
CA PHE A 58 -2.66 -1.31 4.40
C PHE A 58 -4.07 -1.84 4.22
N GLN A 59 -4.26 -3.11 4.56
CA GLN A 59 -5.58 -3.72 4.56
C GLN A 59 -6.27 -3.61 5.91
N VAL A 60 -5.51 -3.51 6.99
CA VAL A 60 -6.07 -3.42 8.32
C VAL A 60 -6.05 -1.96 8.76
N THR A 61 -6.82 -1.64 9.81
CA THR A 61 -6.97 -0.27 10.28
C THR A 61 -5.88 0.14 11.26
N SER A 62 -4.64 -0.25 11.00
CA SER A 62 -3.51 0.10 11.86
C SER A 62 -2.24 0.04 11.03
N ALA A 63 -1.28 0.87 11.40
CA ALA A 63 -0.02 0.92 10.66
C ALA A 63 1.09 1.43 11.56
N ASN A 64 2.28 0.84 11.41
CA ASN A 64 3.48 1.23 12.14
C ASN A 64 4.45 1.87 11.15
N LEU A 65 4.49 3.20 11.15
CA LEU A 65 5.41 3.92 10.29
C LEU A 65 6.83 3.78 10.81
N LYS A 66 7.78 3.49 9.92
CA LYS A 66 9.11 3.08 10.34
C LYS A 66 10.19 3.94 9.70
N ASP A 67 11.37 3.87 10.32
CA ASP A 67 12.58 4.55 9.86
C ASP A 67 12.29 6.04 9.60
N LEU A 68 11.69 6.67 10.60
CA LEU A 68 11.42 8.10 10.57
C LEU A 68 12.61 8.86 11.18
N HIS A 69 12.62 10.18 10.99
CA HIS A 69 13.68 10.99 11.57
C HIS A 69 13.36 11.30 13.04
N PRO A 70 14.35 11.24 13.93
CA PRO A 70 14.09 11.56 15.34
C PRO A 70 13.79 13.05 15.54
N GLY A 71 13.02 13.32 16.59
CA GLY A 71 12.69 14.69 16.95
C GLY A 71 12.19 15.52 15.79
N THR A 72 11.28 14.96 14.98
CA THR A 72 10.79 15.61 13.78
C THR A 72 9.28 15.65 13.77
N SER A 73 8.73 16.76 13.29
CA SER A 73 7.28 16.90 13.12
C SER A 73 6.83 16.26 11.82
N TYR A 74 5.74 15.51 11.88
CA TYR A 74 5.17 14.86 10.72
C TYR A 74 3.69 15.19 10.59
N ALA A 75 3.23 15.23 9.34
CA ALA A 75 1.82 15.29 9.00
C ALA A 75 1.45 13.97 8.35
N VAL A 76 0.19 13.55 8.53
CA VAL A 76 -0.25 12.29 7.95
C VAL A 76 -1.72 12.39 7.56
N GLN A 77 -2.00 11.90 6.35
CA GLN A 77 -3.34 11.73 5.82
C GLN A 77 -3.60 10.24 5.64
N ILE A 78 -4.86 9.83 5.81
CA ILE A 78 -5.25 8.47 5.45
C ILE A 78 -6.47 8.54 4.54
N LEU A 79 -6.43 7.76 3.46
CA LEU A 79 -7.52 7.65 2.50
C LEU A 79 -7.99 6.20 2.47
N ALA A 80 -9.29 6.02 2.24
CA ALA A 80 -9.86 4.71 1.96
C ALA A 80 -9.93 4.52 0.46
N GLU A 81 -9.86 3.27 0.03
CA GLU A 81 -9.88 2.97 -1.39
C GLU A 81 -10.64 1.66 -1.64
N ASN A 82 -11.45 1.67 -2.68
CA ASN A 82 -12.13 0.46 -3.15
C ASN A 82 -11.84 0.37 -4.64
N ASP A 83 -12.61 -0.44 -5.36
CA ASP A 83 -12.32 -0.64 -6.78
C ASP A 83 -12.95 0.43 -7.67
N VAL A 84 -13.65 1.40 -7.10
CA VAL A 84 -13.94 2.61 -7.84
C VAL A 84 -12.76 3.58 -7.74
N GLY A 85 -12.31 3.87 -6.52
CA GLY A 85 -11.18 4.75 -6.32
C GLY A 85 -11.03 5.13 -4.86
N ALA A 86 -10.25 6.18 -4.63
CA ALA A 86 -9.92 6.62 -3.28
C ALA A 86 -10.98 7.58 -2.74
N SER A 87 -11.14 7.55 -1.43
CA SER A 87 -11.98 8.52 -0.75
C SER A 87 -11.31 9.90 -0.75
N ILE A 88 -12.09 10.90 -0.33
CA ILE A 88 -11.53 12.17 0.13
C ILE A 88 -10.61 11.84 1.30
N PRO A 89 -9.48 12.54 1.46
CA PRO A 89 -8.60 12.24 2.60
C PRO A 89 -9.24 12.57 3.95
N SER A 90 -8.77 11.84 4.96
CA SER A 90 -8.91 12.24 6.35
C SER A 90 -8.51 13.70 6.55
N ARG A 91 -8.84 14.29 7.70
CA ARG A 91 -8.17 15.52 8.09
C ARG A 91 -6.74 15.17 8.45
N LEU A 92 -5.86 16.15 8.35
CA LEU A 92 -4.45 15.95 8.59
C LEU A 92 -4.17 15.75 10.08
N VAL A 93 -3.44 14.70 10.42
CA VAL A 93 -3.03 14.44 11.80
C VAL A 93 -1.56 14.81 11.96
N GLN A 94 -1.25 15.50 13.05
CA GLN A 94 0.10 15.97 13.34
C GLN A 94 0.69 15.15 14.48
N PHE A 95 1.94 14.73 14.33
CA PHE A 95 2.66 14.07 15.42
C PHE A 95 4.14 14.43 15.32
N ARG A 96 4.87 14.09 16.37
CA ARG A 96 6.27 14.48 16.52
C ARG A 96 7.05 13.32 17.12
N THR A 97 8.08 12.86 16.41
CA THR A 97 8.89 11.78 16.92
C THR A 97 9.75 12.27 18.09
N ILE A 98 10.14 11.32 18.95
CA ILE A 98 10.95 11.65 20.11
C ILE A 98 12.36 12.03 19.64
N GLU A 99 12.95 13.02 20.31
CA GLU A 99 14.33 13.38 20.01
C GLU A 99 15.26 12.21 20.33
N GLU A 100 16.42 12.22 19.70
CA GLU A 100 17.43 11.18 19.95
C GLU A 100 18.03 11.35 21.35
N GLY B 1 -20.61 -14.80 -22.15
CA GLY B 1 -19.56 -15.41 -22.94
C GLY B 1 -18.17 -15.18 -22.37
N ALA B 2 -17.18 -15.07 -23.26
CA ALA B 2 -15.81 -14.87 -22.84
C ALA B 2 -15.60 -13.43 -22.40
N SER B 3 -14.71 -13.25 -21.43
CA SER B 3 -14.50 -11.93 -20.84
C SER B 3 -13.16 -11.88 -20.13
N PRO B 4 -12.44 -10.77 -20.17
CA PRO B 4 -11.24 -10.65 -19.36
C PRO B 4 -11.56 -10.82 -17.89
N PRO B 5 -10.61 -11.27 -17.08
CA PRO B 5 -10.89 -11.42 -15.65
C PRO B 5 -10.96 -10.05 -14.98
N SER B 6 -11.58 -10.04 -13.80
CA SER B 6 -11.46 -8.90 -12.91
C SER B 6 -10.05 -8.85 -12.31
N PRO B 7 -9.67 -7.71 -11.74
CA PRO B 7 -8.38 -7.65 -11.03
C PRO B 7 -8.36 -8.64 -9.88
N PRO B 8 -7.17 -9.09 -9.46
CA PRO B 8 -7.10 -9.97 -8.28
C PRO B 8 -7.62 -9.24 -7.06
N ARG B 9 -8.13 -10.01 -6.10
CA ARG B 9 -8.75 -9.47 -4.90
C ARG B 9 -7.85 -9.70 -3.69
N GLY B 10 -8.06 -8.87 -2.67
CA GLY B 10 -7.40 -9.06 -1.40
C GLY B 10 -5.89 -9.11 -1.45
N ILE B 11 -5.28 -8.16 -2.17
CA ILE B 11 -3.84 -8.17 -2.32
C ILE B 11 -3.20 -7.70 -1.01
N LYS B 12 -2.31 -8.51 -0.47
CA LYS B 12 -1.68 -8.25 0.81
C LYS B 12 -0.17 -8.36 0.68
N VAL B 13 0.54 -7.44 1.31
CA VAL B 13 1.99 -7.47 1.39
C VAL B 13 2.36 -7.73 2.85
N SER B 14 3.30 -8.65 3.05
CA SER B 14 3.72 -9.04 4.39
C SER B 14 5.17 -9.48 4.34
N GLU B 15 5.72 -9.79 5.53
CA GLU B 15 7.09 -10.26 5.67
C GLU B 15 8.07 -9.37 4.90
N VAL B 16 7.90 -8.06 5.10
CA VAL B 16 8.83 -7.10 4.51
C VAL B 16 10.12 -7.10 5.32
N THR B 17 11.23 -7.43 4.67
CA THR B 17 12.55 -7.36 5.27
C THR B 17 13.35 -6.25 4.60
N THR B 18 14.67 -6.35 4.65
CA THR B 18 15.52 -5.37 4.00
C THR B 18 15.55 -5.54 2.49
N ARG B 19 15.40 -6.78 1.99
CA ARG B 19 15.56 -7.05 0.57
C ARG B 19 14.53 -8.03 0.04
N THR B 20 13.50 -8.35 0.82
CA THR B 20 12.46 -9.26 0.37
C THR B 20 11.11 -8.74 0.82
N ALA B 21 10.07 -9.28 0.18
CA ALA B 21 8.69 -8.97 0.52
C ALA B 21 7.81 -10.07 -0.06
N ARG B 22 6.74 -10.42 0.65
CA ARG B 22 5.81 -11.44 0.19
C ARG B 22 4.49 -10.79 -0.20
N LEU B 23 3.99 -11.16 -1.37
CA LEU B 23 2.70 -10.69 -1.87
C LEU B 23 1.76 -11.88 -1.92
N SER B 24 0.50 -11.64 -1.57
CA SER B 24 -0.52 -12.67 -1.46
C SER B 24 -1.84 -12.09 -1.95
N TRP B 25 -2.64 -12.89 -2.64
CA TRP B 25 -3.92 -12.39 -3.13
C TRP B 25 -4.88 -13.54 -3.39
N GLN B 26 -6.06 -13.18 -3.88
CA GLN B 26 -7.13 -14.12 -4.21
C GLN B 26 -7.46 -14.03 -5.69
N SER B 27 -7.92 -15.15 -6.26
CA SER B 27 -8.37 -15.15 -7.63
C SER B 27 -9.54 -14.19 -7.81
N PRO B 28 -9.73 -13.66 -9.02
CA PRO B 28 -10.89 -12.81 -9.31
C PRO B 28 -12.22 -13.55 -9.12
N VAL B 36 -8.71 -20.70 -16.72
CA VAL B 36 -7.74 -20.61 -15.65
C VAL B 36 -6.90 -19.34 -15.80
N VAL B 37 -6.27 -18.91 -14.71
CA VAL B 37 -5.76 -17.55 -14.58
C VAL B 37 -4.27 -17.56 -14.26
N THR B 38 -3.54 -16.65 -14.91
CA THR B 38 -2.17 -16.33 -14.59
C THR B 38 -2.11 -14.87 -14.19
N TYR B 39 -1.03 -14.48 -13.54
CA TYR B 39 -0.92 -13.16 -12.93
C TYR B 39 0.38 -12.47 -13.34
N ILE B 40 0.26 -11.18 -13.68
CA ILE B 40 1.40 -10.30 -13.92
C ILE B 40 1.56 -9.43 -12.69
N VAL B 41 2.72 -9.53 -12.05
CA VAL B 41 3.09 -8.67 -10.93
C VAL B 41 4.13 -7.67 -11.42
N ARG B 42 3.81 -6.39 -11.31
CA ARG B 42 4.73 -5.34 -11.71
C ARG B 42 4.99 -4.43 -10.52
N TYR B 43 6.26 -4.14 -10.25
CA TYR B 43 6.63 -3.34 -9.09
C TYR B 43 7.77 -2.42 -9.46
N TRP B 44 7.95 -1.36 -8.67
CA TRP B 44 8.97 -0.36 -8.96
C TRP B 44 9.21 0.50 -7.73
N ARG B 45 10.45 0.98 -7.59
CA ARG B 45 10.74 2.04 -6.63
C ARG B 45 9.95 3.29 -7.02
N ASP B 46 9.12 3.79 -6.12
CA ASP B 46 8.07 4.73 -6.50
C ASP B 46 8.30 6.16 -5.97
N GLU B 47 9.47 6.47 -5.42
CA GLU B 47 9.75 7.82 -4.94
C GLU B 47 10.75 8.56 -5.84
N GLU B 48 10.73 8.26 -7.13
CA GLU B 48 11.67 8.84 -8.07
C GLU B 48 10.90 9.52 -9.20
N SER B 49 11.58 10.44 -9.88
CA SER B 49 11.01 11.08 -11.06
C SER B 49 10.74 10.05 -12.15
N ARG B 50 11.73 9.21 -12.44
CA ARG B 50 11.54 8.10 -13.37
C ARG B 50 11.92 6.81 -12.66
N SER B 51 11.16 5.76 -12.95
CA SER B 51 11.29 4.48 -12.25
C SER B 51 11.81 3.40 -13.20
N GLN B 52 12.16 2.26 -12.62
CA GLN B 52 12.56 1.06 -13.35
C GLN B 52 11.56 -0.05 -13.05
N LEU B 53 10.76 -0.38 -14.05
CA LEU B 53 9.64 -1.30 -13.85
C LEU B 53 10.12 -2.75 -13.90
N HIS B 54 9.76 -3.52 -12.88
CA HIS B 54 9.95 -4.97 -12.85
C HIS B 54 8.63 -5.65 -13.18
N GLN B 55 8.65 -6.64 -14.06
CA GLN B 55 7.45 -7.38 -14.41
C GLN B 55 7.72 -8.88 -14.31
N LEU B 56 6.86 -9.59 -13.57
CA LEU B 56 7.00 -11.02 -13.38
C LEU B 56 5.63 -11.67 -13.50
N THR B 57 5.61 -12.87 -14.06
N THR B 57 5.59 -12.84 -14.09
CA THR B 57 4.39 -13.63 -14.24
CA THR B 57 4.36 -13.61 -14.24
C THR B 57 4.36 -14.80 -13.27
C THR B 57 4.36 -14.77 -13.24
N PHE B 58 3.18 -15.09 -12.72
CA PHE B 58 3.05 -16.13 -11.71
C PHE B 58 1.80 -16.95 -12.01
N GLN B 59 1.92 -18.25 -11.82
CA GLN B 59 0.82 -19.21 -11.98
C GLN B 59 0.07 -19.44 -10.68
N VAL B 60 0.46 -18.77 -9.60
CA VAL B 60 -0.08 -18.99 -8.27
C VAL B 60 -0.49 -17.65 -7.68
N THR B 61 -1.19 -17.68 -6.56
CA THR B 61 -1.72 -16.46 -5.94
C THR B 61 -0.79 -15.90 -4.88
N SER B 62 0.52 -15.94 -5.11
CA SER B 62 1.49 -15.37 -4.18
C SER B 62 2.81 -15.24 -4.92
N ALA B 63 3.65 -14.34 -4.41
CA ALA B 63 4.93 -14.04 -5.03
C ALA B 63 5.88 -13.50 -3.97
N ASN B 64 7.08 -14.06 -3.91
CA ASN B 64 8.12 -13.60 -3.02
C ASN B 64 9.09 -12.73 -3.82
N LEU B 65 9.05 -11.42 -3.57
CA LEU B 65 9.94 -10.49 -4.24
C LEU B 65 11.33 -10.57 -3.60
N LYS B 66 12.36 -10.48 -4.45
CA LYS B 66 13.74 -10.60 -4.03
C LYS B 66 14.57 -9.49 -4.63
N ASP B 67 15.78 -9.33 -4.08
CA ASP B 67 16.77 -8.37 -4.57
C ASP B 67 16.24 -6.94 -4.49
N LEU B 68 15.42 -6.65 -3.50
CA LEU B 68 14.94 -5.30 -3.28
C LEU B 68 16.01 -4.49 -2.55
N HIS B 69 15.96 -3.19 -2.74
CA HIS B 69 16.91 -2.32 -2.07
C HIS B 69 16.42 -1.95 -0.67
N PRO B 70 17.31 -1.97 0.34
CA PRO B 70 16.86 -1.66 1.70
C PRO B 70 16.38 -0.21 1.84
N GLY B 71 15.55 0.00 2.85
CA GLY B 71 15.12 1.35 3.18
C GLY B 71 14.51 2.11 2.04
N THR B 72 13.71 1.43 1.21
CA THR B 72 13.19 2.01 -0.02
C THR B 72 11.70 1.70 -0.19
N SER B 73 10.96 2.70 -0.65
CA SER B 73 9.53 2.58 -0.89
C SER B 73 9.26 2.00 -2.27
N TYR B 74 8.33 1.06 -2.32
CA TYR B 74 7.99 0.33 -3.53
C TYR B 74 6.48 0.39 -3.76
N ALA B 75 6.09 0.38 -5.04
CA ALA B 75 4.71 0.21 -5.45
C ALA B 75 4.57 -1.09 -6.25
N VAL B 76 3.40 -1.69 -6.15
CA VAL B 76 3.10 -2.96 -6.80
C VAL B 76 1.69 -2.89 -7.38
N GLN B 77 1.53 -3.51 -8.55
CA GLN B 77 0.23 -3.73 -9.16
C GLN B 77 0.19 -5.17 -9.64
N ILE B 78 -1.00 -5.76 -9.66
CA ILE B 78 -1.17 -7.12 -10.16
C ILE B 78 -2.32 -7.14 -11.15
N LEU B 79 -2.10 -7.82 -12.27
CA LEU B 79 -3.10 -8.00 -13.31
C LEU B 79 -3.40 -9.49 -13.43
N ALA B 80 -4.67 -9.83 -13.61
CA ALA B 80 -5.08 -11.20 -13.86
C ALA B 80 -5.28 -11.41 -15.35
N GLU B 81 -4.87 -12.59 -15.84
CA GLU B 81 -4.89 -12.92 -17.25
C GLU B 81 -5.65 -14.22 -17.45
N ASN B 82 -6.46 -14.28 -18.51
CA ASN B 82 -7.09 -15.52 -18.91
C ASN B 82 -6.95 -15.64 -20.42
N ASP B 83 -7.72 -16.55 -21.02
CA ASP B 83 -7.61 -16.79 -22.45
C ASP B 83 -7.96 -15.55 -23.28
N VAL B 84 -8.92 -14.75 -22.80
CA VAL B 84 -9.39 -13.60 -23.55
C VAL B 84 -8.37 -12.46 -23.49
N GLY B 85 -8.07 -11.98 -22.29
CA GLY B 85 -7.12 -10.89 -22.14
C GLY B 85 -6.71 -10.68 -20.70
N ALA B 86 -6.08 -9.54 -20.47
CA ALA B 86 -5.62 -9.16 -19.14
C ALA B 86 -6.68 -8.28 -18.49
N SER B 87 -6.71 -8.35 -17.16
CA SER B 87 -7.63 -7.52 -16.39
C SER B 87 -7.15 -6.07 -16.37
N ILE B 88 -8.08 -5.18 -16.04
CA ILE B 88 -7.67 -3.87 -15.53
C ILE B 88 -6.71 -4.07 -14.35
N PRO B 89 -5.63 -3.30 -14.24
CA PRO B 89 -4.68 -3.58 -13.14
C PRO B 89 -5.29 -3.27 -11.78
N SER B 90 -4.77 -3.97 -10.78
CA SER B 90 -5.17 -3.77 -9.40
C SER B 90 -4.92 -2.35 -8.93
N ARG B 91 -5.55 -1.99 -7.81
CA ARG B 91 -5.09 -0.83 -7.05
C ARG B 91 -3.64 -1.03 -6.62
N LEU B 92 -2.99 0.08 -6.21
CA LEU B 92 -1.60 -0.01 -5.83
C LEU B 92 -1.47 -0.65 -4.46
N VAL B 93 -0.41 -1.47 -4.31
CA VAL B 93 0.09 -1.90 -3.01
C VAL B 93 1.45 -1.25 -2.83
N GLN B 94 1.62 -0.51 -1.74
CA GLN B 94 2.83 0.27 -1.50
C GLN B 94 3.42 -0.05 -0.15
N PHE B 95 4.72 -0.34 -0.13
CA PHE B 95 5.41 -0.78 1.08
C PHE B 95 6.82 -0.21 1.06
N ARG B 96 7.51 -0.31 2.18
CA ARG B 96 8.86 0.21 2.35
C ARG B 96 9.74 -0.86 2.97
N THR B 97 10.82 -1.22 2.29
CA THR B 97 11.74 -2.19 2.85
C THR B 97 12.44 -1.63 4.10
N ILE B 98 12.80 -2.53 5.00
CA ILE B 98 13.50 -2.15 6.23
C ILE B 98 14.87 -1.59 5.88
N GLU B 99 15.30 -0.59 6.64
CA GLU B 99 16.66 -0.07 6.46
C GLU B 99 17.65 -1.07 7.03
N GLU B 100 18.79 -1.21 6.35
CA GLU B 100 19.78 -2.21 6.74
C GLU B 100 20.69 -1.70 7.86
S SO4 C . 12.75 12.07 4.22
O1 SO4 C . 11.63 11.78 5.14
O2 SO4 C . 13.94 11.35 4.67
O3 SO4 C . 13.02 13.51 4.21
O4 SO4 C . 12.39 11.65 2.87
S SO4 D . 16.07 -1.15 -9.61
O1 SO4 D . 17.23 -1.76 -8.95
O2 SO4 D . 15.01 -0.80 -8.67
O3 SO4 D . 15.60 -2.04 -10.67
O4 SO4 D . 16.53 0.11 -10.24
#